data_5XPM
#
_entry.id   5XPM
#
_cell.length_a   153.000
_cell.length_b   41.840
_cell.length_c   42.250
_cell.angle_alpha   90.00
_cell.angle_beta   96.69
_cell.angle_gamma   90.00
#
_symmetry.space_group_name_H-M   'C 1 2 1'
#
loop_
_entity.id
_entity.type
_entity.pdbx_description
1 polymer 'Vitamin D3 receptor'
2 polymer 'Mediator of RNA polymerase II transcription subunit 1'
3 non-polymer (1~{R},3~{R})-5-[(2~{E})-2-[(1~{R},3~{a}~{S},7~{a}~{R})-1-[(2~{R},3~{S})-3-[(3~{S})-3-(4-hydroxyphenyl)-3-methoxy-propyl]heptan-2-yl]-7~{a}-methyl-2,3,3~{a},5,6,7-hexahydro-1~{H}-inden-4-ylidene]ethylidene]-2-methylidene-cyclohexane-1,3-diol
4 water water
#
loop_
_entity_poly.entity_id
_entity_poly.type
_entity_poly.pdbx_seq_one_letter_code
_entity_poly.pdbx_strand_id
1 'polypeptide(L)'
;GSHMGSPNSPLKDSLRPKLSEEQQHIIAILLDAHHKTYDPTYADFRDFRPPVRMDGSTGSVTLDLSPLSMLPHLADLVSY
SIQKVIGFAKMIPGFRDLTSDDQIVLLKSSAIEVIMLRSNQSFTMDDMSWDCGSQDYKYDVTDVSKAGHTLELIEPLIKF
QVGLKKLNLHEEEHVLLMAICIVSPDRPGVQDAKLVEAIQDRLSNTLQTYIRCRHPPPGSHQLYAKMIQKLADLRSLNEE
HSKQYRSLSFQPENSMKLTPLVLEVFGNEIS
;
A
2 'polypeptide(L)' KNHPMLMNLLKDN C
#
loop_
_chem_comp.id
_chem_comp.type
_chem_comp.name
_chem_comp.formula
8C0 non-polymer (1~{R},3~{R})-5-[(2~{E})-2-[(1~{R},3~{a}~{S},7~{a}~{R})-1-[(2~{R},3~{S})-3-[(3~{S})-3-(4-hydroxyphenyl)-3-methoxy-propyl]heptan-2-yl]-7~{a}-methyl-2,3,3~{a},5,6,7-hexahydro-1~{H}-inden-4-ylidene]ethylidene]-2-methylidene-cyclohexane-1,3-diol 'C36 H54 O4'
#
# COMPACT_ATOMS: atom_id res chain seq x y z
N LYS A 18 -19.97 -10.67 18.66
CA LYS A 18 -18.80 -11.52 19.11
C LYS A 18 -17.87 -11.87 17.95
N LEU A 19 -16.58 -11.98 18.25
CA LEU A 19 -15.57 -12.40 17.26
C LEU A 19 -15.46 -13.92 17.19
N SER A 20 -15.91 -14.50 16.08
CA SER A 20 -15.81 -15.92 15.90
C SER A 20 -14.34 -16.43 15.92
N GLU A 21 -14.16 -17.74 16.01
CA GLU A 21 -12.81 -18.34 15.98
C GLU A 21 -12.17 -18.04 14.62
N GLU A 22 -12.96 -18.19 13.55
CA GLU A 22 -12.54 -17.88 12.19
C GLU A 22 -12.08 -16.42 12.06
N GLN A 23 -12.90 -15.51 12.59
CA GLN A 23 -12.53 -14.07 12.55
C GLN A 23 -11.17 -13.82 13.23
N GLN A 24 -11.00 -14.42 14.41
CA GLN A 24 -9.74 -14.26 15.16
C GLN A 24 -8.57 -14.91 14.42
N HIS A 25 -8.89 -15.91 13.59
CA HIS A 25 -7.87 -16.68 12.91
C HIS A 25 -7.41 -15.89 11.70
N ILE A 26 -8.37 -15.33 11.00
CA ILE A 26 -8.14 -14.34 9.95
C ILE A 26 -7.21 -13.22 10.42
N ILE A 27 -7.51 -12.63 11.58
CA ILE A 27 -6.67 -11.54 12.15
C ILE A 27 -5.25 -11.97 12.54
N ALA A 28 -5.15 -13.08 13.23
CA ALA A 28 -3.86 -13.68 13.56
C ALA A 28 -3.01 -13.87 12.30
N ILE A 29 -3.62 -14.37 11.24
CA ILE A 29 -2.92 -14.64 9.97
C ILE A 29 -2.45 -13.32 9.32
N LEU A 30 -3.31 -12.31 9.31
CA LEU A 30 -2.93 -10.97 8.74
C LEU A 30 -1.80 -10.29 9.51
N LEU A 31 -1.82 -10.40 10.82
CA LEU A 31 -0.74 -9.82 11.60
C LEU A 31 0.57 -10.49 11.28
N ASP A 32 0.57 -11.81 11.18
CA ASP A 32 1.83 -12.53 10.96
C ASP A 32 2.36 -12.23 9.57
N ALA A 33 1.46 -12.25 8.58
CA ALA A 33 1.77 -11.88 7.21
C ALA A 33 2.45 -10.51 7.13
N HIS A 34 1.92 -9.56 7.90
CA HIS A 34 2.53 -8.23 7.95
C HIS A 34 3.87 -8.29 8.63
N HIS A 35 3.94 -9.03 9.74
CA HIS A 35 5.22 -9.20 10.47
C HIS A 35 6.24 -9.87 9.59
N LYS A 36 5.80 -10.68 8.64
CA LYS A 36 6.74 -11.32 7.74
C LYS A 36 7.16 -10.44 6.54
N THR A 37 6.38 -9.41 6.22
CA THR A 37 6.62 -8.64 5.01
C THR A 37 6.98 -7.22 5.30
N TYR A 38 7.04 -6.85 6.58
CA TYR A 38 7.44 -5.50 6.95
C TYR A 38 8.48 -5.56 8.06
N ASP A 39 9.65 -5.04 7.72
CA ASP A 39 10.83 -5.07 8.52
C ASP A 39 11.03 -3.72 9.12
N PRO A 40 10.65 -3.53 10.41
CA PRO A 40 10.71 -2.18 10.97
C PRO A 40 12.16 -1.72 11.22
N THR A 41 13.16 -2.59 11.06
CA THR A 41 14.57 -2.16 11.08
C THR A 41 15.03 -1.49 9.77
N TYR A 42 14.29 -1.68 8.69
CA TYR A 42 14.65 -1.07 7.39
C TYR A 42 16.07 -1.41 6.86
N ALA A 43 16.61 -2.55 7.27
CA ALA A 43 17.98 -3.00 6.97
C ALA A 43 18.26 -3.09 5.45
N ASP A 44 17.28 -3.59 4.70
CA ASP A 44 17.35 -3.72 3.24
C ASP A 44 17.55 -2.43 2.47
N PHE A 45 17.16 -1.29 3.06
CA PHE A 45 17.29 -0.02 2.36
C PHE A 45 18.78 0.25 1.97
N ARG A 46 19.71 -0.41 2.64
CA ARG A 46 21.10 -0.18 2.34
C ARG A 46 21.40 -0.70 0.91
N ASP A 47 20.60 -1.65 0.41
CA ASP A 47 20.79 -2.17 -0.94
C ASP A 47 20.30 -1.26 -2.07
N PHE A 48 19.50 -0.27 -1.77
CA PHE A 48 18.89 0.60 -2.80
C PHE A 48 19.97 1.50 -3.37
N ARG A 49 19.74 2.06 -4.57
CA ARG A 49 20.64 3.07 -5.06
C ARG A 49 20.62 4.19 -4.04
N PRO A 50 21.74 4.92 -3.89
CA PRO A 50 21.76 5.82 -2.76
C PRO A 50 20.83 7.04 -2.89
N PRO A 51 20.30 7.49 -1.75
CA PRO A 51 19.58 8.76 -1.82
C PRO A 51 20.54 9.90 -2.12
N VAL A 52 20.16 10.81 -3.01
CA VAL A 52 20.96 12.01 -3.31
C VAL A 52 20.13 13.30 -3.20
N ARG A 53 20.59 14.23 -2.34
CA ARG A 53 19.77 15.38 -1.89
C ARG A 53 20.26 16.75 -2.37
N SER A 66 19.57 20.03 -9.08
CA SER A 66 19.59 18.65 -9.57
C SER A 66 18.16 18.15 -9.81
N PRO A 67 17.82 17.80 -11.07
CA PRO A 67 16.48 17.29 -11.28
C PRO A 67 16.41 15.75 -11.16
N LEU A 68 15.53 15.30 -10.27
CA LEU A 68 15.19 13.90 -10.07
C LEU A 68 16.26 13.16 -9.27
N SER A 69 17.01 13.90 -8.47
CA SER A 69 18.04 13.26 -7.63
C SER A 69 17.56 12.14 -6.69
N MET A 70 16.28 12.16 -6.25
CA MET A 70 15.76 11.14 -5.30
C MET A 70 14.98 10.04 -5.96
N LEU A 71 14.86 10.13 -7.27
CA LEU A 71 14.11 9.16 -8.02
C LEU A 71 14.71 7.72 -8.03
N PRO A 72 16.02 7.57 -8.30
CA PRO A 72 16.57 6.19 -8.21
C PRO A 72 16.35 5.52 -6.85
N HIS A 73 16.58 6.27 -5.78
CA HIS A 73 16.47 5.74 -4.46
C HIS A 73 15.02 5.40 -4.18
N LEU A 74 14.14 6.34 -4.50
CA LEU A 74 12.71 6.16 -4.25
C LEU A 74 12.01 5.13 -5.18
N ALA A 75 12.47 5.01 -6.41
CA ALA A 75 12.03 4.01 -7.33
C ALA A 75 12.41 2.62 -6.79
N ASP A 76 13.63 2.46 -6.25
CA ASP A 76 14.05 1.23 -5.54
C ASP A 76 13.21 0.93 -4.28
N LEU A 77 12.83 1.97 -3.55
CA LEU A 77 11.98 1.84 -2.36
C LEU A 77 10.56 1.34 -2.71
N VAL A 78 10.02 1.94 -3.75
CA VAL A 78 8.74 1.50 -4.27
C VAL A 78 8.78 0.04 -4.80
N SER A 79 9.82 -0.34 -5.53
CA SER A 79 9.87 -1.66 -6.16
C SER A 79 10.01 -2.73 -5.08
N TYR A 80 10.84 -2.43 -4.08
CA TYR A 80 11.00 -3.24 -2.90
C TYR A 80 9.69 -3.46 -2.19
N SER A 81 8.97 -2.36 -2.02
CA SER A 81 7.67 -2.34 -1.37
C SER A 81 6.57 -3.08 -2.15
N ILE A 82 6.57 -2.94 -3.47
CA ILE A 82 5.75 -3.79 -4.30
C ILE A 82 6.00 -5.29 -3.97
N GLN A 83 7.25 -5.76 -3.89
CA GLN A 83 7.49 -7.22 -3.56
C GLN A 83 6.88 -7.60 -2.21
N LYS A 84 7.02 -6.72 -1.22
CA LYS A 84 6.49 -6.96 0.13
C LYS A 84 4.97 -7.02 0.10
N VAL A 85 4.35 -6.17 -0.70
CA VAL A 85 2.89 -6.15 -0.78
C VAL A 85 2.30 -7.40 -1.44
N ILE A 86 2.98 -7.88 -2.48
CA ILE A 86 2.63 -9.15 -3.11
C ILE A 86 2.75 -10.28 -2.09
N GLY A 87 3.85 -10.32 -1.35
CA GLY A 87 4.06 -11.31 -0.27
C GLY A 87 2.92 -11.27 0.74
N PHE A 88 2.49 -10.05 1.10
CA PHE A 88 1.39 -9.89 2.06
C PHE A 88 0.11 -10.39 1.43
N ALA A 89 -0.14 -10.03 0.18
CA ALA A 89 -1.41 -10.38 -0.48
C ALA A 89 -1.63 -11.89 -0.59
N LYS A 90 -0.55 -12.60 -0.90
CA LYS A 90 -0.59 -14.07 -0.99
C LYS A 90 -1.06 -14.71 0.28
N MET A 91 -0.75 -14.11 1.43
CA MET A 91 -1.23 -14.59 2.73
C MET A 91 -2.67 -14.17 3.13
N ILE A 92 -3.39 -13.44 2.29
CA ILE A 92 -4.76 -13.07 2.64
C ILE A 92 -5.70 -14.26 2.48
N PRO A 93 -6.44 -14.66 3.56
CA PRO A 93 -7.44 -15.74 3.37
C PRO A 93 -8.33 -15.55 2.12
N GLY A 94 -8.38 -16.60 1.30
CA GLY A 94 -9.18 -16.61 0.06
C GLY A 94 -8.53 -15.96 -1.17
N PHE A 95 -7.38 -15.31 -1.00
CA PHE A 95 -6.75 -14.62 -2.15
C PHE A 95 -6.23 -15.65 -3.16
N ARG A 96 -5.56 -16.67 -2.62
CA ARG A 96 -5.09 -17.84 -3.39
C ARG A 96 -6.21 -18.60 -4.16
N ASP A 97 -7.47 -18.45 -3.76
CA ASP A 97 -8.61 -19.04 -4.48
C ASP A 97 -8.94 -18.34 -5.80
N LEU A 98 -8.46 -17.11 -5.95
CA LEU A 98 -8.65 -16.34 -7.16
C LEU A 98 -7.79 -16.88 -8.29
N THR A 99 -8.21 -16.65 -9.52
CA THR A 99 -7.42 -17.03 -10.68
C THR A 99 -6.15 -16.20 -10.66
N SER A 100 -5.20 -16.61 -11.47
CA SER A 100 -3.97 -15.87 -11.65
C SER A 100 -4.21 -14.46 -12.22
N ASP A 101 -5.19 -14.37 -13.12
CA ASP A 101 -5.57 -13.11 -13.70
C ASP A 101 -6.14 -12.14 -12.67
N ASP A 102 -7.08 -12.59 -11.87
CA ASP A 102 -7.68 -11.71 -10.84
C ASP A 102 -6.66 -11.27 -9.79
N GLN A 103 -5.81 -12.20 -9.36
CA GLN A 103 -4.70 -11.83 -8.50
C GLN A 103 -3.81 -10.76 -9.09
N ILE A 104 -3.47 -10.89 -10.37
CA ILE A 104 -2.64 -9.87 -11.04
C ILE A 104 -3.33 -8.52 -11.17
N VAL A 105 -4.58 -8.48 -11.59
CA VAL A 105 -5.27 -7.18 -11.73
C VAL A 105 -5.44 -6.49 -10.36
N LEU A 106 -5.74 -7.25 -9.31
CA LEU A 106 -5.95 -6.72 -7.90
C LEU A 106 -4.67 -6.14 -7.37
N LEU A 107 -3.57 -6.87 -7.56
CA LEU A 107 -2.26 -6.35 -7.19
C LEU A 107 -1.81 -5.13 -8.00
N LYS A 108 -2.07 -5.17 -9.29
CA LYS A 108 -1.61 -4.08 -10.15
C LYS A 108 -2.31 -2.74 -9.81
N SER A 109 -3.62 -2.76 -9.52
CA SER A 109 -4.29 -1.49 -9.19
C SER A 109 -4.00 -1.07 -7.75
N SER A 110 -3.98 -2.01 -6.82
CA SER A 110 -3.83 -1.69 -5.37
C SER A 110 -2.44 -1.38 -4.89
N ALA A 111 -1.40 -1.85 -5.62
CA ALA A 111 -0.02 -1.80 -5.13
C ALA A 111 0.32 -0.45 -4.54
N ILE A 112 0.07 0.61 -5.32
CA ILE A 112 0.45 1.95 -4.91
C ILE A 112 -0.28 2.36 -3.65
N GLU A 113 -1.56 2.02 -3.59
CA GLU A 113 -2.41 2.30 -2.43
C GLU A 113 -1.99 1.62 -1.16
N VAL A 114 -1.65 0.32 -1.26
CA VAL A 114 -1.16 -0.40 -0.11
C VAL A 114 0.21 0.14 0.30
N ILE A 115 1.05 0.51 -0.66
CA ILE A 115 2.31 1.15 -0.28
C ILE A 115 2.07 2.48 0.50
N MET A 116 1.06 3.26 0.11
CA MET A 116 0.73 4.53 0.85
C MET A 116 0.25 4.20 2.26
N LEU A 117 -0.54 3.14 2.35
CA LEU A 117 -1.07 2.63 3.62
C LEU A 117 -0.04 2.10 4.59
N ARG A 118 0.77 1.16 4.12
CA ARG A 118 1.81 0.55 4.92
C ARG A 118 2.86 1.58 5.30
N SER A 119 3.01 2.59 4.42
CA SER A 119 3.97 3.67 4.73
C SER A 119 3.61 4.45 6.02
N ASN A 120 2.34 4.42 6.41
CA ASN A 120 1.88 5.09 7.64
C ASN A 120 2.67 4.72 8.85
N GLN A 121 3.16 3.47 8.90
CA GLN A 121 4.04 3.02 9.96
C GLN A 121 5.33 3.80 10.12
N SER A 122 5.92 4.31 9.04
CA SER A 122 7.15 5.08 9.12
C SER A 122 6.82 6.56 9.17
N PHE A 123 5.59 6.95 8.80
CA PHE A 123 5.25 8.35 8.89
C PHE A 123 5.22 8.89 10.34
N THR A 124 5.75 10.10 10.51
CA THR A 124 5.72 10.76 11.78
C THR A 124 5.17 12.18 11.64
N MET A 125 4.23 12.49 12.53
CA MET A 125 3.57 13.81 12.62
C MET A 125 4.49 14.94 13.08
N ASP A 126 5.55 14.59 13.81
CA ASP A 126 6.45 15.60 14.37
C ASP A 126 7.01 16.49 13.28
N ASP A 127 7.46 15.85 12.20
CA ASP A 127 8.10 16.55 11.07
C ASP A 127 7.39 16.27 9.77
N MET A 128 6.21 15.62 9.79
CA MET A 128 5.48 15.31 8.56
C MET A 128 6.36 14.59 7.51
N SER A 129 6.98 13.51 7.90
CA SER A 129 7.96 12.88 7.05
C SER A 129 7.96 11.43 7.41
N TRP A 130 8.54 10.62 6.55
CA TRP A 130 8.59 9.17 6.78
C TRP A 130 9.95 8.84 7.31
N ASP A 131 10.00 8.34 8.54
CA ASP A 131 11.28 8.14 9.19
C ASP A 131 11.63 6.67 9.30
N CYS A 132 12.66 6.26 8.56
CA CYS A 132 13.03 4.85 8.50
C CYS A 132 14.37 4.56 9.18
N GLY A 133 14.59 5.18 10.34
CA GLY A 133 15.68 4.80 11.19
C GLY A 133 16.98 5.55 11.03
N SER A 134 17.15 6.33 9.96
CA SER A 134 18.30 7.19 9.85
C SER A 134 17.96 8.45 9.10
N GLN A 135 18.87 9.42 9.13
CA GLN A 135 18.70 10.69 8.45
C GLN A 135 18.72 10.51 6.93
N ASP A 136 19.50 9.51 6.50
CA ASP A 136 19.56 9.13 5.08
C ASP A 136 18.24 8.55 4.59
N TYR A 137 17.56 7.78 5.45
CA TYR A 137 16.26 7.15 5.12
C TYR A 137 15.10 7.85 5.79
N LYS A 138 15.21 9.16 5.93
CA LYS A 138 14.12 9.95 6.45
C LYS A 138 13.66 10.81 5.31
N TYR A 139 12.41 10.62 4.89
CA TYR A 139 11.87 11.23 3.68
C TYR A 139 10.80 12.31 3.95
N ASP A 140 11.06 13.53 3.46
CA ASP A 140 10.14 14.67 3.53
C ASP A 140 9.64 15.14 2.17
N VAL A 141 8.82 16.17 2.22
CA VAL A 141 8.15 16.70 1.04
C VAL A 141 9.14 17.10 -0.07
N THR A 142 10.31 17.59 0.33
CA THR A 142 11.35 18.00 -0.60
C THR A 142 11.96 16.77 -1.26
N ASP A 143 12.18 15.72 -0.48
CA ASP A 143 12.66 14.44 -1.06
C ASP A 143 11.71 13.92 -2.14
N VAL A 144 10.39 14.03 -1.88
CA VAL A 144 9.38 13.56 -2.84
C VAL A 144 9.35 14.42 -4.10
N SER A 145 9.34 15.74 -3.91
CA SER A 145 9.57 16.67 -5.02
C SER A 145 10.86 16.36 -5.85
N LYS A 146 11.92 15.96 -5.17
CA LYS A 146 13.14 15.54 -5.84
C LYS A 146 13.01 14.23 -6.59
N ALA A 147 11.91 13.51 -6.41
CA ALA A 147 11.63 12.35 -7.25
C ALA A 147 10.73 12.69 -8.44
N GLY A 148 10.44 13.98 -8.66
CA GLY A 148 9.61 14.43 -9.77
C GLY A 148 8.12 14.63 -9.48
N HIS A 149 7.79 15.02 -8.25
CA HIS A 149 6.41 15.23 -7.87
C HIS A 149 6.16 16.66 -7.44
N THR A 150 4.91 17.04 -7.62
CA THR A 150 4.47 18.37 -7.36
C THR A 150 3.57 18.33 -6.12
N LEU A 151 3.27 19.51 -5.63
CA LEU A 151 2.30 19.75 -4.55
C LEU A 151 0.94 19.13 -4.87
N GLU A 152 0.59 19.01 -6.14
CA GLU A 152 -0.70 18.44 -6.44
C GLU A 152 -0.91 17.05 -5.88
N LEU A 153 0.12 16.21 -5.96
CA LEU A 153 0.06 14.87 -5.38
C LEU A 153 0.54 14.84 -3.94
N ILE A 154 1.55 15.65 -3.68
CA ILE A 154 2.21 15.63 -2.39
C ILE A 154 1.29 16.12 -1.30
N GLU A 155 0.58 17.23 -1.53
CA GLU A 155 -0.26 17.76 -0.46
C GLU A 155 -1.30 16.72 -0.05
N PRO A 156 -2.09 16.19 -1.00
CA PRO A 156 -3.09 15.18 -0.64
C PRO A 156 -2.47 13.89 -0.04
N LEU A 157 -1.26 13.53 -0.43
CA LEU A 157 -0.57 12.39 0.21
C LEU A 157 -0.27 12.65 1.69
N ILE A 158 0.21 13.86 2.01
CA ILE A 158 0.60 14.16 3.38
C ILE A 158 -0.65 14.30 4.22
N LYS A 159 -1.70 14.84 3.64
CA LYS A 159 -2.96 14.97 4.35
C LYS A 159 -3.55 13.61 4.64
N PHE A 160 -3.39 12.71 3.68
CA PHE A 160 -3.81 11.34 3.88
C PHE A 160 -3.06 10.66 5.02
N GLN A 161 -1.75 10.81 5.08
CA GLN A 161 -0.94 10.19 6.12
C GLN A 161 -1.32 10.70 7.54
N VAL A 162 -1.47 12.01 7.66
CA VAL A 162 -1.95 12.66 8.88
C VAL A 162 -3.35 12.18 9.32
N GLY A 163 -4.32 12.15 8.41
CA GLY A 163 -5.65 11.59 8.73
C GLY A 163 -5.69 10.12 9.18
N LEU A 164 -4.95 9.26 8.47
CA LEU A 164 -4.73 7.87 8.91
C LEU A 164 -4.03 7.82 10.25
N LYS A 165 -3.01 8.66 10.42
CA LYS A 165 -2.25 8.63 11.68
C LYS A 165 -3.12 8.94 12.90
N LYS A 166 -3.94 9.98 12.75
CA LYS A 166 -4.95 10.37 13.76
C LYS A 166 -6.08 9.36 14.05
N LEU A 167 -6.32 8.40 13.17
CA LEU A 167 -7.20 7.28 13.50
C LEU A 167 -6.55 6.45 14.61
N ASN A 168 -5.23 6.44 14.67
CA ASN A 168 -4.51 5.63 15.63
C ASN A 168 -5.06 4.22 15.67
N LEU A 169 -4.92 3.52 14.56
CA LEU A 169 -5.55 2.22 14.43
C LEU A 169 -4.78 1.19 15.22
N HIS A 170 -5.47 0.18 15.71
CA HIS A 170 -4.79 -0.99 16.23
C HIS A 170 -4.04 -1.65 15.10
N GLU A 171 -2.97 -2.35 15.42
CA GLU A 171 -2.29 -3.06 14.38
C GLU A 171 -3.22 -4.03 13.63
N GLU A 172 -4.25 -4.52 14.31
CA GLU A 172 -5.17 -5.52 13.76
C GLU A 172 -5.99 -4.88 12.65
N GLU A 173 -6.36 -3.64 12.94
CA GLU A 173 -7.16 -2.80 12.05
C GLU A 173 -6.36 -2.41 10.81
N HIS A 174 -5.14 -2.01 11.04
CA HIS A 174 -4.24 -1.61 9.97
C HIS A 174 -4.11 -2.74 8.94
N VAL A 175 -3.77 -3.95 9.40
CA VAL A 175 -3.53 -5.07 8.50
C VAL A 175 -4.87 -5.47 7.83
N LEU A 176 -5.98 -5.38 8.57
CA LEU A 176 -7.28 -5.65 7.89
C LEU A 176 -7.54 -4.66 6.79
N LEU A 177 -7.17 -3.39 7.00
CA LEU A 177 -7.47 -2.34 6.01
C LEU A 177 -6.64 -2.60 4.74
N MET A 178 -5.38 -2.94 4.94
CA MET A 178 -4.53 -3.32 3.81
C MET A 178 -5.11 -4.47 2.98
N ALA A 179 -5.65 -5.50 3.62
CA ALA A 179 -6.28 -6.63 2.91
C ALA A 179 -7.56 -6.24 2.18
N ILE A 180 -8.36 -5.47 2.86
CA ILE A 180 -9.59 -4.99 2.26
C ILE A 180 -9.29 -4.09 1.08
N CYS A 181 -8.27 -3.26 1.19
CA CYS A 181 -7.86 -2.41 0.06
C CYS A 181 -7.48 -3.24 -1.19
N ILE A 182 -6.72 -4.32 -0.97
CA ILE A 182 -6.26 -5.15 -2.08
C ILE A 182 -7.44 -5.83 -2.78
N VAL A 183 -8.24 -6.55 -2.01
CA VAL A 183 -9.34 -7.32 -2.55
C VAL A 183 -10.64 -6.49 -2.69
N SER A 184 -10.63 -5.49 -3.59
CA SER A 184 -11.80 -4.67 -3.91
C SER A 184 -12.37 -5.10 -5.28
N PRO A 185 -13.65 -5.48 -5.32
CA PRO A 185 -14.22 -6.07 -6.53
C PRO A 185 -14.34 -5.10 -7.71
N ASP A 186 -14.20 -3.80 -7.47
CA ASP A 186 -14.44 -2.79 -8.51
C ASP A 186 -13.17 -2.35 -9.22
N ARG A 187 -12.07 -3.06 -9.03
CA ARG A 187 -10.83 -2.64 -9.67
C ARG A 187 -10.86 -3.01 -11.16
N PRO A 188 -10.28 -2.17 -12.01
CA PRO A 188 -10.37 -2.43 -13.44
C PRO A 188 -9.75 -3.77 -13.81
N GLY A 189 -10.33 -4.41 -14.81
CA GLY A 189 -9.84 -5.67 -15.28
C GLY A 189 -10.31 -6.87 -14.50
N VAL A 190 -11.06 -6.69 -13.41
CA VAL A 190 -11.53 -7.83 -12.61
C VAL A 190 -12.58 -8.61 -13.42
N GLN A 191 -12.42 -9.93 -13.45
CA GLN A 191 -13.37 -10.83 -14.12
C GLN A 191 -14.39 -11.34 -13.10
N ASP A 192 -13.95 -12.13 -12.12
CA ASP A 192 -14.87 -12.77 -11.16
C ASP A 192 -15.18 -11.83 -9.98
N ALA A 193 -15.97 -10.79 -10.24
CA ALA A 193 -16.26 -9.77 -9.20
C ALA A 193 -16.96 -10.36 -7.98
N LYS A 194 -17.90 -11.28 -8.22
CA LYS A 194 -18.61 -12.01 -7.13
C LYS A 194 -17.67 -12.69 -6.15
N LEU A 195 -16.64 -13.40 -6.64
CA LEU A 195 -15.70 -14.07 -5.74
C LEU A 195 -14.83 -13.05 -4.98
N VAL A 196 -14.34 -12.04 -5.71
CA VAL A 196 -13.51 -11.00 -5.07
C VAL A 196 -14.32 -10.36 -3.95
N GLU A 197 -15.60 -10.14 -4.22
CA GLU A 197 -16.50 -9.47 -3.28
C GLU A 197 -16.77 -10.35 -2.05
N ALA A 198 -16.97 -11.64 -2.24
CA ALA A 198 -17.11 -12.56 -1.10
C ALA A 198 -15.87 -12.61 -0.22
N ILE A 199 -14.69 -12.56 -0.82
CA ILE A 199 -13.43 -12.45 -0.04
C ILE A 199 -13.40 -11.17 0.81
N GLN A 200 -13.61 -10.03 0.17
CA GLN A 200 -13.61 -8.74 0.84
C GLN A 200 -14.62 -8.62 1.98
N ASP A 201 -15.86 -9.00 1.68
CA ASP A 201 -16.95 -9.14 2.67
C ASP A 201 -16.55 -9.87 3.96
N ARG A 202 -15.86 -10.99 3.85
CA ARG A 202 -15.41 -11.72 5.07
C ARG A 202 -14.45 -10.86 5.91
N LEU A 203 -13.60 -10.12 5.18
CA LEU A 203 -12.59 -9.25 5.77
C LEU A 203 -13.26 -8.01 6.38
N SER A 204 -14.25 -7.42 5.69
CA SER A 204 -14.96 -6.23 6.18
C SER A 204 -15.71 -6.55 7.48
N ASN A 205 -16.46 -7.65 7.46
CA ASN A 205 -17.22 -8.12 8.62
C ASN A 205 -16.32 -8.41 9.81
N THR A 206 -15.12 -8.97 9.57
CA THR A 206 -14.09 -9.17 10.59
C THR A 206 -13.63 -7.85 11.17
N LEU A 207 -13.48 -6.86 10.31
CA LEU A 207 -13.08 -5.51 10.76
C LEU A 207 -14.18 -4.85 11.58
N GLN A 208 -15.38 -4.94 11.06
CA GLN A 208 -16.55 -4.35 11.77
C GLN A 208 -16.76 -4.88 13.18
N THR A 209 -16.67 -6.21 13.28
CA THR A 209 -16.84 -6.90 14.53
C THR A 209 -15.66 -6.59 15.39
N TYR A 210 -14.47 -6.52 14.78
CA TYR A 210 -13.30 -6.22 15.60
C TYR A 210 -13.42 -4.89 16.28
N ILE A 211 -13.77 -3.85 15.52
CA ILE A 211 -13.90 -2.53 16.11
C ILE A 211 -14.88 -2.54 17.27
N ARG A 212 -16.05 -3.16 17.05
CA ARG A 212 -17.12 -3.24 18.04
C ARG A 212 -16.69 -3.96 19.31
N CYS A 213 -16.05 -5.14 19.15
CA CYS A 213 -15.64 -5.97 20.29
C CYS A 213 -14.37 -5.55 20.95
N ARG A 214 -13.44 -4.94 20.22
CA ARG A 214 -12.11 -4.70 20.77
C ARG A 214 -11.70 -3.25 20.78
N HIS A 215 -12.43 -2.38 20.11
CA HIS A 215 -11.92 -1.00 20.04
C HIS A 215 -12.74 -0.14 20.96
N PRO A 216 -12.14 0.35 22.06
CA PRO A 216 -13.03 0.99 23.00
C PRO A 216 -13.41 2.41 22.56
N PRO A 217 -14.61 2.89 23.00
CA PRO A 217 -14.86 4.32 22.85
C PRO A 217 -13.89 5.17 23.69
N PRO A 218 -13.62 6.42 23.29
CA PRO A 218 -14.26 7.09 22.16
C PRO A 218 -13.58 6.87 20.79
N GLY A 219 -12.53 6.05 20.74
CA GLY A 219 -11.74 5.89 19.52
C GLY A 219 -12.50 5.16 18.46
N SER A 220 -13.43 4.30 18.86
CA SER A 220 -14.18 3.48 17.95
C SER A 220 -15.24 4.28 17.19
N HIS A 221 -15.45 5.54 17.57
CA HIS A 221 -16.61 6.25 17.03
C HIS A 221 -16.51 6.46 15.52
N GLN A 222 -17.44 5.86 14.79
CA GLN A 222 -17.47 5.93 13.34
C GLN A 222 -16.20 5.40 12.73
N LEU A 223 -15.53 4.44 13.38
CA LEU A 223 -14.17 4.08 13.00
C LEU A 223 -14.22 3.36 11.69
N TYR A 224 -15.22 2.50 11.54
CA TYR A 224 -15.32 1.76 10.32
C TYR A 224 -15.52 2.69 9.13
N ALA A 225 -16.58 3.51 9.17
CA ALA A 225 -16.81 4.58 8.18
C ALA A 225 -15.59 5.44 7.90
N LYS A 226 -14.79 5.75 8.92
CA LYS A 226 -13.56 6.55 8.66
C LYS A 226 -12.49 5.79 7.85
N MET A 227 -12.38 4.48 8.11
CA MET A 227 -11.37 3.64 7.48
C MET A 227 -11.77 3.41 6.04
N ILE A 228 -13.06 3.25 5.81
CA ILE A 228 -13.58 3.15 4.46
C ILE A 228 -13.43 4.44 3.66
N GLN A 229 -13.65 5.59 4.29
CA GLN A 229 -13.33 6.88 3.66
C GLN A 229 -11.82 6.96 3.26
N LYS A 230 -10.93 6.36 4.03
CA LYS A 230 -9.49 6.33 3.63
C LYS A 230 -9.22 5.48 2.36
N LEU A 231 -10.06 4.49 2.17
CA LEU A 231 -9.96 3.67 0.97
C LEU A 231 -10.40 4.49 -0.24
N ALA A 232 -11.42 5.30 -0.05
CA ALA A 232 -11.81 6.28 -1.06
C ALA A 232 -10.73 7.29 -1.34
N ASP A 233 -10.09 7.80 -0.30
CA ASP A 233 -8.95 8.71 -0.48
C ASP A 233 -7.75 8.12 -1.28
N LEU A 234 -7.40 6.85 -0.97
CA LEU A 234 -6.36 6.13 -1.71
C LEU A 234 -6.68 5.96 -3.20
N ARG A 235 -7.94 5.68 -3.53
CA ARG A 235 -8.40 5.63 -4.91
C ARG A 235 -8.22 6.89 -5.69
N SER A 236 -8.53 8.03 -5.05
CA SER A 236 -8.31 9.34 -5.70
C SER A 236 -6.85 9.57 -5.94
N LEU A 237 -6.10 9.35 -4.86
CA LEU A 237 -4.64 9.46 -4.87
C LEU A 237 -4.07 8.58 -5.94
N ASN A 238 -4.62 7.37 -6.05
CA ASN A 238 -4.17 6.47 -7.10
C ASN A 238 -4.50 7.00 -8.53
N GLU A 239 -5.71 7.50 -8.72
CA GLU A 239 -6.07 8.20 -9.97
C GLU A 239 -5.11 9.34 -10.28
N GLU A 240 -4.79 10.15 -9.29
CA GLU A 240 -3.84 11.23 -9.49
C GLU A 240 -2.45 10.65 -9.82
N HIS A 241 -2.05 9.63 -9.08
CA HIS A 241 -0.69 9.04 -9.22
C HIS A 241 -0.45 8.59 -10.66
N SER A 242 -1.50 8.02 -11.27
CA SER A 242 -1.44 7.52 -12.63
C SER A 242 -1.16 8.59 -13.68
N LYS A 243 -1.89 9.71 -13.59
CA LYS A 243 -1.61 10.90 -14.40
C LYS A 243 -0.14 11.32 -14.26
N GLN A 244 0.36 11.46 -13.04
CA GLN A 244 1.77 11.79 -12.85
C GLN A 244 2.68 10.70 -13.44
N TYR A 245 2.32 9.44 -13.19
CA TYR A 245 3.09 8.33 -13.69
C TYR A 245 3.19 8.32 -15.23
N ARG A 246 2.05 8.45 -15.90
CA ARG A 246 2.03 8.67 -17.38
C ARG A 246 2.93 9.85 -17.87
N SER A 247 2.94 11.00 -17.19
CA SER A 247 3.82 12.12 -17.57
C SER A 247 5.31 11.74 -17.46
N LEU A 248 5.64 10.98 -16.41
CA LEU A 248 6.97 10.39 -16.21
C LEU A 248 7.29 9.32 -17.25
N SER A 249 6.34 8.43 -17.51
CA SER A 249 6.49 7.42 -18.57
C SER A 249 6.74 8.05 -19.96
N PHE A 250 6.30 9.28 -20.14
CA PHE A 250 6.50 9.98 -21.41
C PHE A 250 7.93 10.45 -21.66
N GLN A 251 8.71 10.70 -20.62
CA GLN A 251 10.11 10.94 -20.83
C GLN A 251 10.89 9.64 -20.51
N PRO A 252 11.37 8.94 -21.55
CA PRO A 252 11.99 7.65 -21.32
C PRO A 252 13.28 7.72 -20.51
N GLU A 253 13.94 8.89 -20.44
CA GLU A 253 15.12 9.05 -19.56
C GLU A 253 14.78 9.01 -18.06
N ASN A 254 13.53 9.26 -17.71
CA ASN A 254 13.06 9.11 -16.32
C ASN A 254 12.60 7.70 -16.08
N SER A 255 11.85 7.20 -17.03
CA SER A 255 11.41 5.83 -17.05
C SER A 255 12.58 4.81 -16.95
N MET A 256 13.75 5.21 -17.50
CA MET A 256 15.01 4.46 -17.48
C MET A 256 15.48 4.26 -16.07
N LYS A 257 15.19 5.23 -15.20
CA LYS A 257 15.60 5.21 -13.81
C LYS A 257 14.73 4.34 -12.92
N LEU A 258 13.60 3.85 -13.42
CA LEU A 258 12.74 2.95 -12.60
C LEU A 258 13.31 1.50 -12.55
N THR A 259 12.54 0.57 -12.02
CA THR A 259 12.99 -0.80 -11.96
C THR A 259 12.13 -1.56 -12.95
N PRO A 260 12.52 -2.80 -13.26
CA PRO A 260 11.65 -3.62 -14.11
C PRO A 260 10.26 -3.95 -13.51
N LEU A 261 10.21 -4.19 -12.21
CA LEU A 261 8.98 -4.55 -11.53
C LEU A 261 8.03 -3.37 -11.53
N VAL A 262 8.52 -2.21 -11.25
CA VAL A 262 7.68 -1.03 -11.31
C VAL A 262 7.08 -0.82 -12.73
N LEU A 263 7.88 -0.98 -13.77
CA LEU A 263 7.39 -0.81 -15.11
C LEU A 263 6.36 -1.88 -15.37
N GLU A 264 6.67 -3.11 -15.05
CA GLU A 264 5.64 -4.13 -15.21
C GLU A 264 4.31 -3.79 -14.52
N VAL A 265 4.37 -3.49 -13.22
CA VAL A 265 3.21 -3.31 -12.35
C VAL A 265 2.46 -2.00 -12.64
N PHE A 266 3.19 -0.90 -12.73
CA PHE A 266 2.57 0.40 -13.07
C PHE A 266 2.44 0.63 -14.56
N GLY A 267 3.05 -0.22 -15.37
CA GLY A 267 3.06 -0.04 -16.84
C GLY A 267 4.23 0.84 -17.25
N ASN A 268 4.33 1.15 -18.56
CA ASN A 268 5.39 2.00 -19.13
C ASN A 268 4.85 2.81 -20.30
N LYS B 1 -0.50 -12.67 -17.86
CA LYS B 1 -0.66 -12.32 -19.32
C LYS B 1 -0.13 -10.87 -19.58
N ASN B 2 1.13 -10.79 -20.00
CA ASN B 2 1.94 -9.57 -20.04
C ASN B 2 2.68 -9.23 -18.72
N HIS B 3 2.73 -10.17 -17.77
CA HIS B 3 3.31 -9.85 -16.44
C HIS B 3 4.07 -11.03 -15.86
N PRO B 4 5.23 -11.35 -16.45
CA PRO B 4 6.02 -12.46 -15.98
C PRO B 4 6.59 -12.31 -14.55
N MET B 5 7.12 -11.16 -14.22
CA MET B 5 7.71 -10.90 -12.87
C MET B 5 6.68 -10.94 -11.74
N LEU B 6 5.59 -10.22 -11.92
CA LEU B 6 4.47 -10.29 -10.99
C LEU B 6 3.93 -11.72 -10.86
N MET B 7 3.73 -12.42 -11.98
CA MET B 7 3.23 -13.81 -11.94
C MET B 7 4.15 -14.73 -11.14
N ASN B 8 5.47 -14.59 -11.34
CA ASN B 8 6.48 -15.40 -10.59
C ASN B 8 6.54 -15.10 -9.09
N LEU B 9 6.35 -13.82 -8.72
CA LEU B 9 6.25 -13.42 -7.31
C LEU B 9 4.92 -13.92 -6.71
N LEU B 10 3.92 -14.09 -7.57
CA LEU B 10 2.63 -14.60 -7.11
C LEU B 10 2.62 -16.10 -6.82
N LYS B 11 3.50 -16.85 -7.45
CA LYS B 11 3.52 -18.29 -7.27
C LYS B 11 4.53 -18.65 -6.20
O38 8C0 C . 7.52 10.78 -11.10
C32 8C0 C . 7.06 9.67 -10.40
C31 8C0 C . 5.71 9.20 -10.51
C30 8C0 C . 5.31 8.06 -9.78
C33 8C0 C . 7.94 9.00 -9.57
C34 8C0 C . 7.52 7.89 -8.81
C29 8C0 C . 6.22 7.39 -8.93
C21 8C0 C . 5.76 6.18 -8.12
O39 8C0 C . 6.48 5.02 -8.54
C40 8C0 C . 7.80 4.93 -8.06
C20 8C0 C . 5.78 6.41 -6.61
C19 8C0 C . 4.80 7.56 -6.27
C18 8C0 C . 4.56 7.74 -4.80
C25 8C0 C . 3.78 9.06 -4.48
C26 8C0 C . 2.49 9.12 -5.30
C27 8C0 C . 1.40 9.87 -4.55
C28 8C0 C . 0.03 9.47 -5.05
C17 8C0 C . 5.84 7.70 -3.98
C41 8C0 C . 6.79 8.85 -4.40
C16 8C0 C . 5.51 7.73 -2.47
C15 8C0 C . 4.39 6.74 -2.06
C23 8C0 C . 6.65 7.52 -1.47
C24 8C0 C . 7.61 6.37 -1.84
C12 8C0 C . 7.49 8.74 -1.09
C11 8C0 C . 8.41 8.34 0.08
C10 8C0 C . 7.60 7.86 1.32
C22 8C0 C . 5.83 7.17 -0.22
C14 8C0 C . 4.70 6.25 -0.65
C9 8C0 C . 6.70 6.75 0.90
C8 8C0 C . 6.68 5.51 1.40
C7 8C0 C . 7.58 5.10 2.46
C6 8C0 C . 7.80 3.80 2.76
C1 8C0 C . 8.81 3.54 3.83
C5 8C0 C . 7.10 2.66 2.07
C4 8C0 C . 6.92 1.43 2.96
O37 8C0 C . 6.59 0.35 2.07
C3 8C0 C . 8.12 1.20 3.86
C36 8C0 C . 8.83 0.07 3.98
C2 8C0 C . 8.50 2.35 4.72
O35 8C0 C . 7.47 2.66 5.66
#